data_4I30
#
_entry.id   4I30
#
_cell.length_a   66.990
_cell.length_b   70.410
_cell.length_c   97.050
_cell.angle_alpha   90.00
_cell.angle_beta   90.00
_cell.angle_gamma   90.00
#
_symmetry.space_group_name_H-M   'I 2 2 2'
#
loop_
_entity.id
_entity.type
_entity.pdbx_description
1 polymer Concanavalin-A
2 non-polymer 'CALCIUM ION'
3 non-polymer 'MANGANESE (II) ION'
4 non-polymer 'GAMMA-AMINO-BUTANOIC ACID'
5 non-polymer ADENINE
6 water water
#
_entity_poly.entity_id   1
_entity_poly.type   'polypeptide(L)'
_entity_poly.pdbx_seq_one_letter_code
;ADTIVAVELDTYPNTDIGDPSYPHIGIDIKSVRSKKTAKWNMQNGKVGTAHIIYNSVGKRLSAVVSYPNGDSATVSYDVD
LDNVLPEWVRVGLSASTGLYKETNTILSWSFTSKLKSNSTHETNALHFVFNQFSKDQKDLILQGDATTGTDGNLELTRVS
SNGSPQGSSVGRALFYAPVHIWESSAVVASFDATFTFLIKSSDSHPADGIAFFISNIDSSIPSGSTGRLLGLFPDAN
;
_entity_poly.pdbx_strand_id   A
#
loop_
_chem_comp.id
_chem_comp.type
_chem_comp.name
_chem_comp.formula
ABU non-polymer 'GAMMA-AMINO-BUTANOIC ACID' 'C4 H9 N O2'
ADE non-polymer ADENINE 'C5 H5 N5'
CA non-polymer 'CALCIUM ION' 'Ca 2'
MN non-polymer 'MANGANESE (II) ION' 'Mn 2'
#
# COMPACT_ATOMS: atom_id res chain seq x y z
N ALA A 1 13.83 -13.39 1.25
CA ALA A 1 12.96 -12.48 0.44
C ALA A 1 11.49 -12.66 0.90
N ASP A 2 10.96 -11.60 1.48
CA ASP A 2 9.53 -11.53 1.79
C ASP A 2 8.68 -11.83 0.60
N THR A 3 7.57 -12.49 0.84
CA THR A 3 6.52 -12.53 -0.17
C THR A 3 5.61 -11.32 -0.10
N ILE A 4 5.44 -10.64 -1.22
CA ILE A 4 4.65 -9.43 -1.23
C ILE A 4 3.56 -9.52 -2.25
N VAL A 5 2.35 -9.16 -1.84
CA VAL A 5 1.31 -8.83 -2.81
C VAL A 5 0.89 -7.43 -2.52
N ALA A 6 0.81 -6.57 -3.50
CA ALA A 6 0.55 -5.18 -3.19
C ALA A 6 -0.24 -4.51 -4.25
N VAL A 7 -0.99 -3.52 -3.84
CA VAL A 7 -1.56 -2.55 -4.76
C VAL A 7 -0.66 -1.33 -4.50
N GLU A 8 -0.16 -0.78 -5.59
CA GLU A 8 0.70 0.35 -5.52
C GLU A 8 0.00 1.52 -6.18
N LEU A 9 0.20 2.69 -5.55
CA LEU A 9 -0.27 3.93 -6.11
C LEU A 9 1.08 4.54 -6.51
N ASP A 10 1.43 4.46 -7.77
CA ASP A 10 2.81 4.71 -8.15
C ASP A 10 2.84 6.07 -8.84
N THR A 11 3.36 7.06 -8.14
CA THR A 11 3.20 8.44 -8.58
C THR A 11 4.24 8.82 -9.61
N TYR A 12 5.31 8.07 -9.66
CA TYR A 12 6.41 8.31 -10.55
C TYR A 12 6.72 7.17 -11.57
N PRO A 13 6.80 7.49 -12.88
CA PRO A 13 7.13 6.48 -13.88
C PRO A 13 8.61 6.15 -13.93
N ASN A 14 8.96 4.99 -13.39
CA ASN A 14 10.25 4.36 -13.67
C ASN A 14 10.02 3.41 -14.82
N THR A 15 9.93 4.00 -16.02
CA THR A 15 9.67 3.27 -17.27
C THR A 15 10.88 2.37 -17.47
N ASP A 16 11.97 2.74 -16.82
CA ASP A 16 13.13 1.85 -16.68
C ASP A 16 12.77 0.41 -16.29
N ILE A 17 11.93 0.28 -15.28
CA ILE A 17 11.71 -1.03 -14.70
C ILE A 17 10.28 -1.49 -14.98
N GLY A 18 9.78 -1.13 -16.17
CA GLY A 18 8.46 -1.49 -16.63
C GLY A 18 7.27 -0.77 -16.01
N ASP A 19 7.45 0.25 -15.17
CA ASP A 19 6.34 1.18 -15.01
C ASP A 19 5.79 1.57 -16.33
N PRO A 20 4.52 1.80 -16.47
CA PRO A 20 4.17 2.58 -17.62
C PRO A 20 4.79 3.99 -17.51
N SER A 21 4.60 4.82 -18.51
CA SER A 21 5.30 6.08 -18.48
C SER A 21 4.37 7.15 -18.13
N TYR A 22 3.49 6.83 -17.21
CA TYR A 22 2.71 7.77 -16.42
C TYR A 22 2.51 7.21 -15.01
N PRO A 23 2.09 8.08 -14.06
CA PRO A 23 1.71 7.55 -12.73
C PRO A 23 0.61 6.58 -12.93
N HIS A 24 0.55 5.63 -12.03
CA HIS A 24 -0.33 4.49 -12.27
C HIS A 24 -0.67 3.88 -10.95
N ILE A 25 -1.78 3.10 -10.92
CA ILE A 25 -1.94 2.15 -9.85
C ILE A 25 -1.61 0.81 -10.37
N GLY A 26 -1.03 -0.07 -9.56
CA GLY A 26 -0.68 -1.34 -10.15
C GLY A 26 -0.91 -2.47 -9.18
N ILE A 27 -1.05 -3.69 -9.69
CA ILE A 27 -1.13 -4.81 -8.79
C ILE A 27 0.19 -5.56 -8.85
N ASP A 28 0.84 -5.70 -7.71
CA ASP A 28 2.14 -6.29 -7.62
C ASP A 28 1.98 -7.62 -6.98
N ILE A 29 2.41 -8.66 -7.68
CA ILE A 29 2.44 -10.03 -7.13
C ILE A 29 3.87 -10.41 -7.22
N LYS A 30 4.51 -10.26 -6.07
CA LYS A 30 5.83 -10.73 -5.83
C LYS A 30 6.81 -10.01 -6.69
N SER A 31 6.44 -8.87 -7.18
CA SER A 31 7.40 -8.16 -7.97
C SER A 31 7.02 -6.75 -8.04
N VAL A 32 8.00 -5.83 -8.09
CA VAL A 32 7.56 -4.46 -8.19
C VAL A 32 7.06 -4.15 -9.56
N ARG A 33 7.40 -4.96 -10.55
CA ARG A 33 6.80 -4.65 -11.85
C ARG A 33 5.42 -5.26 -11.83
N SER A 34 4.40 -4.41 -11.90
CA SER A 34 3.00 -4.79 -11.67
C SER A 34 2.56 -5.77 -12.74
N LYS A 35 1.71 -6.74 -12.36
CA LYS A 35 1.21 -7.68 -13.34
C LYS A 35 0.23 -6.91 -14.08
N LYS A 36 -0.27 -5.87 -13.43
CA LYS A 36 -1.27 -5.09 -14.08
C LYS A 36 -1.24 -3.63 -13.62
N THR A 37 -1.51 -2.67 -14.50
CA THR A 37 -1.47 -1.27 -14.10
C THR A 37 -2.60 -0.55 -14.76
N ALA A 38 -2.90 0.63 -14.25
CA ALA A 38 -3.91 1.45 -14.87
C ALA A 38 -3.33 2.89 -14.78
N LYS A 39 -3.60 3.71 -15.77
CA LYS A 39 -3.15 5.09 -15.61
C LYS A 39 -3.76 5.76 -14.39
N TRP A 40 -2.98 6.53 -13.64
CA TRP A 40 -3.53 7.15 -12.52
C TRP A 40 -3.09 8.64 -12.44
N ASN A 41 -4.08 9.54 -12.45
CA ASN A 41 -3.83 10.99 -12.27
C ASN A 41 -3.78 11.25 -10.76
N MET A 42 -2.59 11.12 -10.19
CA MET A 42 -2.36 11.67 -8.85
C MET A 42 -2.77 13.19 -8.74
N GLN A 43 -3.59 13.55 -7.75
CA GLN A 43 -4.03 14.92 -7.54
C GLN A 43 -3.22 15.47 -6.38
N ASN A 44 -2.16 16.19 -6.74
CA ASN A 44 -1.26 16.71 -5.73
C ASN A 44 -2.04 17.45 -4.63
N GLY A 45 -1.71 17.15 -3.39
CA GLY A 45 -2.33 17.87 -2.29
C GLY A 45 -3.78 17.52 -2.01
N LYS A 46 -4.32 16.57 -2.78
CA LYS A 46 -5.71 16.13 -2.61
C LYS A 46 -5.80 14.76 -1.92
N VAL A 47 -6.91 14.53 -1.27
CA VAL A 47 -6.96 13.35 -0.39
C VAL A 47 -7.66 12.33 -1.28
N GLY A 48 -6.96 11.25 -1.58
CA GLY A 48 -7.50 10.18 -2.46
C GLY A 48 -7.98 9.04 -1.57
N THR A 49 -8.66 8.08 -2.16
CA THR A 49 -9.05 6.88 -1.36
C THR A 49 -8.75 5.78 -2.34
N ALA A 50 -8.12 4.72 -1.83
CA ALA A 50 -7.86 3.52 -2.55
C ALA A 50 -8.75 2.45 -1.86
N HIS A 51 -9.47 1.66 -2.64
CA HIS A 51 -10.07 0.43 -2.17
C HIS A 51 -9.45 -0.80 -2.80
N ILE A 52 -9.31 -1.87 -2.06
CA ILE A 52 -8.59 -3.10 -2.56
C ILE A 52 -9.52 -4.18 -2.14
N ILE A 53 -9.84 -5.08 -3.06
CA ILE A 53 -10.90 -6.01 -2.82
C ILE A 53 -10.42 -7.29 -3.41
N TYR A 54 -10.38 -8.36 -2.64
CA TYR A 54 -10.15 -9.66 -3.26
C TYR A 54 -11.06 -10.76 -2.60
N ASN A 55 -11.47 -11.78 -3.35
CA ASN A 55 -12.08 -12.91 -2.67
C ASN A 55 -11.63 -14.13 -3.40
N SER A 56 -11.59 -15.21 -2.64
CA SER A 56 -11.07 -16.47 -3.14
C SER A 56 -12.00 -17.11 -4.14
N VAL A 57 -13.18 -16.55 -4.32
CA VAL A 57 -14.09 -17.14 -5.26
C VAL A 57 -13.84 -16.60 -6.67
N GLY A 58 -14.06 -15.30 -6.83
CA GLY A 58 -13.79 -14.60 -8.10
C GLY A 58 -12.31 -14.58 -8.45
N LYS A 59 -11.43 -14.69 -7.43
CA LYS A 59 -9.96 -14.71 -7.55
C LYS A 59 -9.56 -13.58 -8.42
N ARG A 60 -9.95 -12.44 -7.99
CA ARG A 60 -9.62 -11.26 -8.78
C ARG A 60 -9.30 -10.20 -7.77
N LEU A 61 -8.05 -9.72 -7.80
CA LEU A 61 -7.67 -8.69 -6.85
C LEU A 61 -7.94 -7.37 -7.60
N SER A 62 -8.70 -6.45 -7.03
CA SER A 62 -9.13 -5.25 -7.70
C SER A 62 -8.70 -4.06 -6.83
N ALA A 63 -8.49 -2.93 -7.48
CA ALA A 63 -8.15 -1.75 -6.68
C ALA A 63 -8.77 -0.64 -7.42
N VAL A 64 -9.40 0.27 -6.71
CA VAL A 64 -9.65 1.56 -7.31
C VAL A 64 -9.01 2.63 -6.43
N VAL A 65 -8.56 3.69 -7.11
CA VAL A 65 -8.13 4.89 -6.37
C VAL A 65 -8.93 6.01 -6.92
N SER A 66 -9.54 6.79 -6.07
CA SER A 66 -10.27 7.92 -6.50
C SER A 66 -9.96 9.17 -5.61
N TYR A 67 -10.47 10.27 -6.11
CA TYR A 67 -10.35 11.56 -5.41
C TYR A 67 -11.68 12.18 -5.40
N PRO A 68 -11.87 13.24 -4.59
CA PRO A 68 -13.26 13.76 -4.50
C PRO A 68 -13.91 14.36 -5.78
N ASN A 69 -13.11 14.75 -6.76
CA ASN A 69 -13.69 15.31 -7.98
C ASN A 69 -14.17 14.16 -8.81
N GLY A 70 -13.90 12.93 -8.36
CA GLY A 70 -14.55 11.76 -8.94
C GLY A 70 -13.65 11.03 -9.89
N ASP A 71 -12.44 11.52 -10.06
CA ASP A 71 -11.60 10.92 -11.05
C ASP A 71 -11.04 9.66 -10.42
N SER A 72 -11.01 8.60 -11.24
CA SER A 72 -10.82 7.28 -10.65
C SER A 72 -9.91 6.44 -11.54
N ALA A 73 -9.01 5.67 -10.96
CA ALA A 73 -8.34 4.64 -11.75
C ALA A 73 -8.70 3.29 -11.14
N THR A 74 -8.74 2.27 -11.98
CA THR A 74 -9.02 0.94 -11.47
C THR A 74 -8.07 -0.01 -12.08
N VAL A 75 -7.70 -1.00 -11.31
CA VAL A 75 -6.91 -2.05 -11.87
C VAL A 75 -7.39 -3.35 -11.21
N SER A 76 -7.44 -4.43 -12.00
CA SER A 76 -7.84 -5.74 -11.41
C SER A 76 -6.93 -6.78 -12.02
N TYR A 77 -6.66 -7.85 -11.30
CA TYR A 77 -5.77 -8.81 -11.84
C TYR A 77 -6.23 -10.14 -11.30
N ASP A 78 -6.34 -11.12 -12.19
CA ASP A 78 -6.86 -12.40 -11.81
C ASP A 78 -5.74 -13.24 -11.29
N VAL A 79 -5.89 -13.66 -10.04
CA VAL A 79 -4.78 -14.26 -9.36
C VAL A 79 -5.40 -15.08 -8.24
N ASP A 80 -4.88 -16.27 -8.01
CA ASP A 80 -5.30 -17.04 -6.86
C ASP A 80 -4.29 -16.86 -5.75
N LEU A 81 -4.55 -15.91 -4.85
CA LEU A 81 -3.57 -15.53 -3.85
C LEU A 81 -3.21 -16.68 -2.91
N ASP A 82 -4.05 -17.71 -2.88
CA ASP A 82 -3.78 -18.94 -2.08
C ASP A 82 -2.47 -19.52 -2.56
N ASN A 83 -2.22 -19.35 -3.85
CA ASN A 83 -0.97 -19.76 -4.43
C ASN A 83 0.16 -18.76 -4.39
N VAL A 84 -0.05 -17.63 -3.73
CA VAL A 84 0.99 -16.60 -3.68
C VAL A 84 1.39 -16.29 -2.24
N LEU A 85 0.37 -16.07 -1.40
CA LEU A 85 0.58 -15.77 -0.01
C LEU A 85 0.70 -16.96 0.94
N PRO A 86 1.44 -16.78 2.00
CA PRO A 86 1.33 -17.74 3.12
C PRO A 86 0.00 -17.60 3.83
N GLU A 87 -0.42 -18.66 4.47
CA GLU A 87 -1.68 -18.73 5.10
C GLU A 87 -1.88 -17.56 6.07
N TRP A 88 -0.81 -17.13 6.67
CA TRP A 88 -0.81 -16.03 7.65
C TRP A 88 0.08 -14.98 7.13
N VAL A 89 -0.40 -13.75 7.22
CA VAL A 89 0.31 -12.70 6.66
C VAL A 89 0.17 -11.54 7.67
N ARG A 90 0.92 -10.50 7.47
CA ARG A 90 0.50 -9.22 8.01
C ARG A 90 0.09 -8.34 6.87
N VAL A 91 -0.75 -7.34 7.13
CA VAL A 91 -1.20 -6.39 6.12
C VAL A 91 -0.67 -4.99 6.50
N GLY A 92 -0.36 -4.24 5.50
CA GLY A 92 0.35 -3.02 5.77
C GLY A 92 0.26 -2.01 4.68
N LEU A 93 0.81 -0.86 4.99
CA LEU A 93 0.81 0.17 4.03
C LEU A 93 2.30 0.52 3.91
N SER A 94 2.69 0.93 2.73
CA SER A 94 4.14 1.17 2.53
C SER A 94 4.26 2.38 1.65
N ALA A 95 5.32 3.16 1.81
CA ALA A 95 5.47 4.29 0.89
C ALA A 95 6.97 4.64 0.87
N SER A 96 7.37 5.34 -0.18
CA SER A 96 8.80 5.60 -0.42
C SER A 96 8.89 6.97 -1.09
N THR A 97 10.05 7.61 -0.99
CA THR A 97 10.39 8.70 -1.88
C THR A 97 11.83 8.44 -2.36
N GLY A 98 12.24 9.22 -3.36
CA GLY A 98 13.46 8.87 -4.07
C GLY A 98 14.14 10.22 -4.25
N LEU A 99 14.57 10.45 -5.47
CA LEU A 99 15.09 11.72 -5.92
C LEU A 99 13.95 12.73 -5.97
N TYR A 100 12.74 12.23 -6.21
CA TYR A 100 11.59 13.09 -6.02
C TYR A 100 10.83 12.67 -4.76
N LYS A 101 9.94 13.48 -4.32
CA LYS A 101 9.37 13.16 -3.06
C LYS A 101 8.02 13.75 -2.99
N GLU A 102 7.26 13.26 -2.01
CA GLU A 102 5.91 13.75 -1.81
C GLU A 102 5.61 13.45 -0.36
N THR A 103 4.52 14.04 0.13
CA THR A 103 4.04 13.55 1.41
C THR A 103 3.51 12.14 1.07
N ASN A 104 3.52 11.27 2.02
CA ASN A 104 2.76 10.00 1.76
C ASN A 104 1.86 9.93 2.96
N THR A 105 0.80 10.72 2.93
CA THR A 105 0.13 10.89 4.19
C THR A 105 -1.12 9.99 4.03
N ILE A 106 -1.28 9.09 5.01
CA ILE A 106 -2.48 8.18 5.21
C ILE A 106 -3.36 8.81 6.22
N LEU A 107 -4.53 9.21 5.79
CA LEU A 107 -5.46 9.68 6.78
C LEU A 107 -6.32 8.55 7.46
N SER A 108 -6.40 7.39 6.83
CA SER A 108 -7.33 6.37 7.39
C SER A 108 -6.98 5.14 6.70
N TRP A 109 -7.29 4.06 7.36
CA TRP A 109 -6.99 2.76 6.81
C TRP A 109 -7.94 1.80 7.45
N SER A 110 -8.54 1.04 6.60
CA SER A 110 -9.34 -0.05 7.15
C SER A 110 -9.09 -1.33 6.40
N PHE A 111 -9.37 -2.41 7.10
CA PHE A 111 -9.09 -3.74 6.49
C PHE A 111 -10.04 -4.70 7.05
N THR A 112 -10.45 -5.64 6.20
CA THR A 112 -11.28 -6.70 6.67
C THR A 112 -10.79 -7.97 6.00
N SER A 113 -10.67 -9.03 6.73
CA SER A 113 -10.54 -10.36 6.13
C SER A 113 -11.46 -11.32 6.77
N LYS A 114 -11.91 -12.22 5.94
CA LYS A 114 -12.95 -13.12 6.40
C LYS A 114 -12.59 -14.45 5.83
N LEU A 115 -12.68 -15.42 6.67
CA LEU A 115 -12.65 -16.80 6.14
C LEU A 115 -14.04 -17.39 6.40
N LYS A 116 -14.83 -17.68 5.40
CA LYS A 116 -16.16 -18.31 5.64
C LYS A 116 -16.16 -19.81 5.31
N SER A 117 -16.94 -20.61 6.00
CA SER A 117 -17.22 -21.95 5.53
C SER A 117 -18.71 -22.23 5.52
N THR A 123 -17.22 -18.72 10.10
CA THR A 123 -16.48 -17.49 9.88
C THR A 123 -15.48 -17.16 10.95
N ASN A 124 -14.24 -16.99 10.52
CA ASN A 124 -13.22 -16.17 11.13
C ASN A 124 -13.09 -14.79 10.46
N ALA A 125 -12.82 -13.81 11.24
CA ALA A 125 -12.75 -12.53 10.60
C ALA A 125 -11.93 -11.63 11.46
N LEU A 126 -11.29 -10.72 10.77
CA LEU A 126 -10.51 -9.61 11.38
C LEU A 126 -10.98 -8.37 10.69
N HIS A 127 -11.36 -7.39 11.44
CA HIS A 127 -11.60 -6.09 10.76
C HIS A 127 -10.90 -5.07 11.64
N PHE A 128 -10.18 -4.16 11.03
CA PHE A 128 -9.75 -3.00 11.84
C PHE A 128 -10.03 -1.78 11.01
N VAL A 129 -10.19 -0.69 11.71
CA VAL A 129 -10.31 0.58 11.04
C VAL A 129 -9.55 1.66 11.81
N PHE A 130 -8.81 2.46 11.09
CA PHE A 130 -8.06 3.58 11.73
C PHE A 130 -8.56 4.77 10.96
N ASN A 131 -9.43 5.51 11.58
CA ASN A 131 -9.80 6.78 10.96
C ASN A 131 -8.96 7.88 11.58
N GLN A 132 -8.32 7.59 12.70
CA GLN A 132 -7.41 8.52 13.32
C GLN A 132 -6.26 7.68 13.80
N PHE A 133 -5.04 8.08 13.54
CA PHE A 133 -3.91 7.41 14.10
C PHE A 133 -3.44 8.09 15.39
N SER A 134 -2.74 7.36 16.24
CA SER A 134 -2.31 7.84 17.53
C SER A 134 -0.85 7.91 17.47
N LYS A 135 -0.31 8.81 18.29
CA LYS A 135 1.09 8.84 18.58
C LYS A 135 1.71 7.52 18.94
N ASP A 136 1.18 6.83 19.93
CA ASP A 136 1.79 5.56 20.27
C ASP A 136 0.73 4.49 19.91
N GLN A 137 0.71 4.09 18.65
CA GLN A 137 -0.40 3.33 18.12
C GLN A 137 -0.07 1.88 18.35
N LYS A 138 -0.42 1.26 19.48
CA LYS A 138 0.17 -0.02 19.75
C LYS A 138 -0.34 -1.12 18.86
N ASP A 139 -1.32 -0.87 18.01
CA ASP A 139 -1.65 -1.98 17.10
C ASP A 139 -1.01 -1.89 15.74
N LEU A 140 -0.05 -0.97 15.56
CA LEU A 140 0.51 -0.73 14.25
C LEU A 140 2.00 -0.85 14.42
N ILE A 141 2.60 -1.60 13.52
CA ILE A 141 4.00 -1.85 13.54
C ILE A 141 4.51 -0.85 12.57
N LEU A 142 5.33 0.09 13.04
CA LEU A 142 5.89 1.13 12.19
C LEU A 142 7.32 0.77 11.80
N GLN A 143 7.64 0.97 10.52
CA GLN A 143 8.96 0.67 9.91
C GLN A 143 9.49 1.85 9.11
N GLY A 144 10.83 1.97 9.00
CA GLY A 144 11.41 3.07 8.23
C GLY A 144 10.98 4.39 8.77
N ASP A 145 10.57 5.34 7.93
CA ASP A 145 10.30 6.71 8.39
C ASP A 145 8.86 6.95 8.91
N ALA A 146 8.11 5.85 8.99
CA ALA A 146 6.66 5.96 9.18
C ALA A 146 6.45 6.41 10.59
N THR A 147 5.60 7.41 10.80
CA THR A 147 5.27 7.79 12.15
C THR A 147 3.83 8.05 12.18
N THR A 148 3.24 7.95 13.35
CA THR A 148 1.87 8.43 13.53
C THR A 148 1.78 9.48 14.60
N GLY A 149 0.58 10.03 14.78
CA GLY A 149 0.16 10.86 15.97
C GLY A 149 0.74 12.16 15.55
N THR A 150 0.24 13.33 15.95
CA THR A 150 -0.94 13.60 16.78
C THR A 150 -1.90 14.30 15.89
N ASP A 151 -1.56 14.53 14.63
CA ASP A 151 -2.51 15.12 13.74
C ASP A 151 -3.52 14.05 13.30
N GLY A 152 -3.40 12.85 13.84
CA GLY A 152 -4.36 11.84 13.54
C GLY A 152 -3.95 11.07 12.31
N ASN A 153 -2.79 11.46 11.75
CA ASN A 153 -2.23 10.84 10.52
C ASN A 153 -1.14 9.84 10.64
N LEU A 154 -0.96 9.03 9.60
CA LEU A 154 0.15 8.11 9.47
C LEU A 154 1.03 8.62 8.37
N GLU A 155 2.26 9.00 8.70
CA GLU A 155 3.21 9.59 7.75
C GLU A 155 4.08 8.50 7.38
N LEU A 156 3.81 7.91 6.24
CA LEU A 156 4.56 6.73 5.90
C LEU A 156 6.06 7.03 5.70
N THR A 157 6.30 8.20 5.14
CA THR A 157 7.67 8.68 4.91
C THR A 157 8.05 9.95 5.70
N ARG A 158 9.35 10.22 5.80
CA ARG A 158 9.77 11.45 6.55
C ARG A 158 9.23 12.77 5.99
N VAL A 159 8.56 13.52 6.85
CA VAL A 159 8.22 14.88 6.62
C VAL A 159 9.18 15.64 7.57
N SER A 160 9.37 16.91 7.27
CA SER A 160 10.34 17.76 7.99
C SER A 160 9.47 18.62 8.88
N SER A 161 10.09 19.21 9.91
CA SER A 161 9.43 20.07 10.89
C SER A 161 8.52 21.11 10.25
N ASN A 162 8.89 21.58 9.05
CA ASN A 162 8.13 22.65 8.40
C ASN A 162 7.03 22.16 7.42
N GLY A 163 6.56 20.92 7.58
CA GLY A 163 5.57 20.26 6.69
C GLY A 163 6.11 19.74 5.36
N SER A 164 7.44 19.64 5.25
CA SER A 164 8.10 19.34 3.98
C SER A 164 8.41 17.87 3.75
N PRO A 165 7.84 17.30 2.65
CA PRO A 165 8.12 15.91 2.24
C PRO A 165 9.62 15.68 2.03
N GLN A 166 10.23 14.79 2.82
CA GLN A 166 11.62 14.45 2.59
C GLN A 166 11.86 13.59 1.34
N GLY A 167 12.97 13.83 0.64
CA GLY A 167 13.46 12.87 -0.35
C GLY A 167 14.04 11.60 0.27
N SER A 168 14.32 10.60 -0.57
CA SER A 168 15.13 9.47 -0.08
C SER A 168 14.48 8.86 1.13
N SER A 169 13.15 8.64 1.11
CA SER A 169 12.44 8.23 2.35
C SER A 169 11.63 6.94 2.15
N VAL A 170 11.56 6.14 3.20
CA VAL A 170 10.72 4.96 3.12
C VAL A 170 10.15 4.52 4.44
N GLY A 171 8.87 4.17 4.47
CA GLY A 171 8.30 3.66 5.72
C GLY A 171 7.10 2.73 5.52
N ARG A 172 6.82 1.93 6.53
CA ARG A 172 5.56 1.26 6.49
C ARG A 172 4.89 1.07 7.85
N ALA A 173 3.61 0.74 7.78
CA ALA A 173 2.88 0.44 9.00
C ALA A 173 2.21 -0.89 8.69
N LEU A 174 2.36 -1.87 9.57
CA LEU A 174 1.67 -3.15 9.42
C LEU A 174 0.76 -3.39 10.62
N PHE A 175 -0.41 -3.99 10.39
CA PHE A 175 -1.33 -4.16 11.48
C PHE A 175 -0.63 -5.11 12.41
N TYR A 176 -0.79 -4.96 13.71
CA TYR A 176 0.04 -5.79 14.64
C TYR A 176 -0.26 -7.33 14.52
N ALA A 177 -1.54 -7.63 14.48
CA ALA A 177 -1.94 -9.01 14.42
C ALA A 177 -1.74 -9.59 13.04
N PRO A 178 -1.14 -10.72 12.99
CA PRO A 178 -1.10 -11.54 11.80
C PRO A 178 -2.53 -11.78 11.33
N VAL A 179 -2.73 -11.87 10.04
CA VAL A 179 -4.06 -12.10 9.56
C VAL A 179 -4.03 -13.50 8.95
N HIS A 180 -5.13 -14.20 9.03
CA HIS A 180 -5.15 -15.50 8.45
C HIS A 180 -5.84 -15.37 7.13
N ILE A 181 -5.05 -15.20 6.06
CA ILE A 181 -5.58 -14.64 4.81
C ILE A 181 -6.23 -15.70 3.99
N TRP A 182 -5.90 -16.96 4.31
CA TRP A 182 -6.55 -18.02 3.57
C TRP A 182 -6.44 -19.26 4.44
N GLU A 183 -7.33 -20.17 4.26
CA GLU A 183 -7.43 -21.32 5.13
C GLU A 183 -8.08 -22.30 4.22
N SER A 184 -7.44 -23.45 4.10
CA SER A 184 -7.68 -24.27 2.95
C SER A 184 -9.08 -24.85 3.03
N SER A 185 -9.72 -24.91 4.19
CA SER A 185 -11.13 -25.29 4.22
C SER A 185 -12.12 -24.16 4.03
N ALA A 186 -11.66 -22.91 4.07
CA ALA A 186 -12.63 -21.81 3.94
C ALA A 186 -13.25 -21.89 2.54
N VAL A 187 -14.53 -21.84 2.47
CA VAL A 187 -15.13 -21.75 1.21
C VAL A 187 -14.90 -20.38 0.53
N VAL A 188 -14.93 -19.31 1.33
CA VAL A 188 -14.57 -17.97 0.80
C VAL A 188 -13.58 -17.37 1.73
N ALA A 189 -12.49 -16.89 1.17
CA ALA A 189 -11.52 -16.12 1.86
C ALA A 189 -11.58 -14.73 1.13
N SER A 190 -11.91 -13.67 1.84
CA SER A 190 -12.07 -12.43 1.13
C SER A 190 -11.24 -11.44 1.97
N PHE A 191 -10.74 -10.41 1.30
CA PHE A 191 -10.28 -9.27 2.11
C PHE A 191 -10.63 -8.05 1.37
N ASP A 192 -10.66 -6.96 2.11
CA ASP A 192 -10.76 -5.67 1.51
C ASP A 192 -10.04 -4.75 2.40
N ALA A 193 -9.60 -3.67 1.77
CA ALA A 193 -8.87 -2.70 2.49
C ALA A 193 -9.17 -1.38 1.87
N THR A 194 -9.05 -0.37 2.70
CA THR A 194 -9.40 0.92 2.18
C THR A 194 -8.44 1.83 2.85
N PHE A 195 -7.91 2.78 2.11
CA PHE A 195 -7.14 3.78 2.85
C PHE A 195 -7.27 5.09 2.18
N THR A 196 -7.05 6.14 2.97
CA THR A 196 -7.25 7.43 2.38
C THR A 196 -5.89 8.11 2.57
N PHE A 197 -5.54 8.90 1.59
CA PHE A 197 -4.14 9.29 1.58
C PHE A 197 -4.07 10.69 1.03
N LEU A 198 -2.94 11.34 1.27
CA LEU A 198 -2.81 12.68 0.68
C LEU A 198 -1.35 12.76 0.28
N ILE A 199 -1.17 12.84 -1.02
CA ILE A 199 0.12 12.79 -1.56
C ILE A 199 0.28 14.24 -2.02
N LYS A 200 1.28 14.87 -1.49
CA LYS A 200 1.44 16.30 -1.87
C LYS A 200 2.87 16.50 -2.12
N SER A 201 3.17 17.29 -3.13
CA SER A 201 4.57 17.58 -3.40
C SER A 201 4.62 18.94 -4.07
N SER A 202 5.73 19.62 -3.93
CA SER A 202 5.88 20.81 -4.77
C SER A 202 7.06 20.59 -5.71
N ASP A 203 7.66 19.41 -5.61
CA ASP A 203 8.84 19.09 -6.39
C ASP A 203 8.47 19.09 -7.85
N SER A 204 9.49 18.92 -8.68
CA SER A 204 9.33 18.88 -10.09
C SER A 204 8.47 17.69 -10.53
N HIS A 205 8.65 16.58 -9.85
CA HIS A 205 7.77 15.37 -10.01
C HIS A 205 7.48 14.77 -8.65
N PRO A 206 6.18 14.54 -8.35
CA PRO A 206 5.96 13.77 -7.17
C PRO A 206 6.60 12.41 -7.36
N ALA A 207 7.12 11.85 -6.28
CA ALA A 207 7.48 10.47 -6.27
C ALA A 207 7.47 10.03 -4.80
N ASP A 208 7.45 8.73 -4.50
CA ASP A 208 7.26 7.64 -5.50
C ASP A 208 5.95 6.88 -5.37
N GLY A 209 5.30 6.96 -4.22
CA GLY A 209 3.95 6.33 -4.13
C GLY A 209 3.66 5.65 -2.83
N ILE A 210 2.46 5.07 -2.71
CA ILE A 210 2.09 4.44 -1.48
C ILE A 210 1.51 3.12 -1.96
N ALA A 211 1.75 2.05 -1.22
CA ALA A 211 1.15 0.75 -1.49
C ALA A 211 0.43 0.20 -0.27
N PHE A 212 -0.63 -0.51 -0.55
CA PHE A 212 -1.14 -1.39 0.48
C PHE A 212 -0.54 -2.75 0.14
N PHE A 213 -0.05 -3.47 1.12
CA PHE A 213 0.56 -4.75 0.82
C PHE A 213 0.17 -5.84 1.81
N ILE A 214 0.39 -7.06 1.40
CA ILE A 214 0.22 -8.19 2.28
C ILE A 214 1.52 -8.91 2.13
N SER A 215 2.03 -9.48 3.22
CA SER A 215 3.35 -10.07 3.19
C SER A 215 3.37 -11.09 4.27
N ASN A 216 4.39 -11.95 4.28
CA ASN A 216 4.64 -12.84 5.40
C ASN A 216 4.70 -12.06 6.65
N ILE A 217 4.42 -12.72 7.75
CA ILE A 217 4.21 -11.97 8.99
C ILE A 217 5.47 -11.16 9.47
N ASP A 218 6.68 -11.66 9.19
CA ASP A 218 7.94 -10.96 9.48
C ASP A 218 8.41 -9.86 8.46
N SER A 219 7.67 -9.60 7.40
CA SER A 219 8.18 -8.68 6.41
C SER A 219 8.76 -7.41 7.07
N SER A 220 9.91 -6.91 6.57
CA SER A 220 10.45 -5.59 6.93
C SER A 220 10.88 -4.80 5.67
N ILE A 221 11.23 -3.54 5.82
CA ILE A 221 11.62 -2.79 4.65
C ILE A 221 12.85 -3.44 4.03
N PRO A 222 12.77 -3.71 2.73
CA PRO A 222 13.97 -4.23 2.09
C PRO A 222 14.88 -3.03 1.91
N SER A 223 16.14 -3.33 2.11
CA SER A 223 17.29 -2.44 1.96
C SER A 223 17.33 -1.62 0.68
N GLY A 224 17.47 -0.30 0.86
CA GLY A 224 17.43 0.66 -0.23
C GLY A 224 16.18 0.59 -1.09
N SER A 225 15.01 0.60 -0.45
CA SER A 225 13.73 0.36 -1.13
C SER A 225 12.97 1.66 -1.26
N THR A 226 13.72 2.75 -1.43
CA THR A 226 13.12 4.03 -1.55
C THR A 226 12.80 4.29 -3.01
N GLY A 227 12.26 5.47 -3.30
CA GLY A 227 11.89 5.86 -4.68
C GLY A 227 11.04 4.76 -5.27
N ARG A 228 11.61 4.10 -6.27
CA ARG A 228 10.87 3.19 -7.15
C ARG A 228 10.43 1.86 -6.58
N LEU A 229 11.15 1.34 -5.58
CA LEU A 229 10.91 0.00 -5.04
C LEU A 229 9.78 -0.01 -3.98
N LEU A 230 9.39 1.20 -3.61
CA LEU A 230 8.23 1.49 -2.77
C LEU A 230 8.27 0.83 -1.41
N GLY A 231 9.46 0.52 -0.89
CA GLY A 231 9.55 -0.15 0.41
C GLY A 231 9.08 -1.60 0.49
N LEU A 232 8.72 -2.14 -0.66
CA LEU A 232 8.14 -3.49 -0.72
C LEU A 232 9.11 -4.59 -1.14
N PHE A 233 9.98 -4.29 -2.12
CA PHE A 233 10.90 -5.27 -2.63
C PHE A 233 12.38 -4.81 -2.57
N PRO A 234 13.31 -5.77 -2.37
CA PRO A 234 14.72 -5.45 -2.27
C PRO A 234 15.28 -4.94 -3.60
N ASP A 235 14.59 -5.24 -4.70
CA ASP A 235 15.06 -4.95 -6.04
C ASP A 235 13.89 -4.92 -7.02
N ALA A 236 14.23 -4.82 -8.30
CA ALA A 236 13.27 -4.55 -9.34
C ALA A 236 13.00 -5.74 -10.26
N ASN A 237 13.30 -6.97 -9.84
CA ASN A 237 13.08 -8.13 -10.70
C ASN A 237 11.60 -8.45 -10.96
CA CA B . 7.52 3.90 -9.98
MN MN C . 4.85 0.94 -10.74
N ABU D . -9.03 -13.18 6.40
CD ABU D . -9.52 -13.30 7.75
CB ABU D . -8.73 -14.11 8.70
CG ABU D . -9.26 -13.96 10.09
C ABU D . -8.13 -13.83 11.05
O ABU D . -8.25 -14.50 12.10
OXT ABU D . -7.15 -13.17 10.77
N9 ADE E . 15.65 4.87 -10.92
C8 ADE E . 15.81 6.24 -10.87
N7 ADE E . 15.16 6.91 -11.82
C5 ADE E . 14.52 5.91 -12.56
C6 ADE E . 13.65 5.94 -13.71
N6 ADE E . 13.23 7.02 -14.41
N1 ADE E . 13.21 4.75 -14.15
C2 ADE E . 13.59 3.63 -13.52
N3 ADE E . 14.37 3.46 -12.46
C4 ADE E . 14.82 4.66 -12.01
#